data_3JR5
#
_entry.id   3JR5
#
_cell.length_a   45.343
_cell.length_b   95.377
_cell.length_c   102.482
_cell.angle_alpha   90.000
_cell.angle_beta   90.000
_cell.angle_gamma   90.000
#
_symmetry.space_group_name_H-M   'P 21 21 21'
#
loop_
_entity.id
_entity.type
_entity.pdbx_description
1 polymer 'DNA glycosylase'
2 polymer "DNA (5'-D(*AP*GP*GP*TP*AP*GP*AP*CP*TP*CP*GP*GP*AP*CP*GP*C)-3')"
3 polymer "DNA (5'-D(*TP*GP*CP*GP*TP*CP*CP*(OGX)P*AP*GP*TP*CP*TP*AP*CP*C)-3')"
4 non-polymer 'ZINC ION'
5 non-polymer GLYCEROL
6 water water
#
loop_
_entity_poly.entity_id
_entity_poly.type
_entity_poly.pdbx_seq_one_letter_code
_entity_poly.pdbx_strand_id
1 'polypeptide(L)'
;PQLPEVETIRRTLLPLIVGKTIEDVRIFWPNIIRHPRDSEAFAARMIGQTVRGLERRGKFLKFLLDRDALISHLRMEGRY
AVASALEPLEPHTHVVFCFTDGSELRYRDVRKFGTMHVYAKEEADRRPPLAELGPEPLSPAFSPAVLAERAVKTKRSVKA
LLLDQTVVAGFGCIYVDESLFRAGILPGRPAASLSSKEIERLHEEMVATIGEAVMKGGSTVRTYVNTQGEAGTFQHHLYV
YGRQGNPCKRCGTPIEKTVVAGRGTHYCPRCQR
;
A
2 'polydeoxyribonucleotide' (DA)(DG)(DG)(DT)(DA)(DG)(DA)(DC)(DT)(DC)(DG)(DG)(DA)(DC)(DG)(DC) B
3 'polydeoxyribonucleotide' (DT)(DG)(DC)(DG)(DT)(DC)(DC)(OGX)(DA)(DG)(DT)(DC)(DT)(DA)(DC)(DC) C
#
# COMPACT_ATOMS: atom_id res chain seq x y z
N PRO A 1 -5.02 1.25 1.16
CA PRO A 1 -3.75 2.00 1.12
C PRO A 1 -2.79 1.45 0.07
N GLN A 2 -2.23 2.38 -0.70
CA GLN A 2 -1.19 2.06 -1.67
C GLN A 2 0.16 2.60 -1.17
N LEU A 3 1.19 2.60 -1.99
CA LEU A 3 2.51 3.07 -1.52
C LEU A 3 2.46 4.45 -0.80
N PRO A 4 1.81 5.46 -1.39
CA PRO A 4 1.86 6.76 -0.73
C PRO A 4 1.20 6.76 0.66
N GLU A 5 0.10 6.03 0.81
CA GLU A 5 -0.61 5.96 2.08
C GLU A 5 0.21 5.20 3.13
N VAL A 6 0.74 4.04 2.72
CA VAL A 6 1.57 3.24 3.61
C VAL A 6 2.84 4.01 4.03
N GLU A 7 3.46 4.71 3.08
CA GLU A 7 4.67 5.47 3.37
C GLU A 7 4.39 6.60 4.37
N THR A 8 3.21 7.24 4.25
CA THR A 8 2.85 8.33 5.13
C THR A 8 2.58 7.77 6.54
N ILE A 9 1.91 6.63 6.58
CA ILE A 9 1.72 5.94 7.86
C ILE A 9 3.07 5.57 8.48
N ARG A 10 4.00 5.06 7.67
CA ARG A 10 5.33 4.71 8.17
C ARG A 10 6.04 5.90 8.84
N ARG A 11 6.08 7.03 8.14
CA ARG A 11 6.82 8.18 8.64
C ARG A 11 6.21 8.74 9.92
N THR A 12 4.88 8.68 10.01
CA THR A 12 4.14 9.28 11.13
C THR A 12 4.04 8.32 12.32
N LEU A 13 4.27 7.03 12.08
CA LEU A 13 4.23 6.02 13.16
C LEU A 13 5.59 5.79 13.85
N LEU A 14 6.67 5.81 13.06
CA LEU A 14 7.99 5.45 13.58
C LEU A 14 8.40 6.15 14.90
N PRO A 15 8.30 7.49 14.95
CA PRO A 15 8.76 8.17 16.17
C PRO A 15 7.95 7.81 17.42
N LEU A 16 6.73 7.32 17.23
CA LEU A 16 5.85 6.97 18.36
C LEU A 16 6.13 5.60 18.94
N ILE A 17 6.93 4.79 18.23
CA ILE A 17 7.24 3.45 18.71
C ILE A 17 8.74 3.10 18.84
N VAL A 18 9.60 3.85 18.16
CA VAL A 18 11.01 3.48 18.16
C VAL A 18 11.60 3.47 19.57
N GLY A 19 12.32 2.41 19.90
CA GLY A 19 12.98 2.29 21.18
C GLY A 19 12.12 1.70 22.29
N LYS A 20 10.86 1.41 21.97
CA LYS A 20 9.97 0.82 22.97
C LYS A 20 10.07 -0.70 22.99
N THR A 21 9.90 -1.29 24.17
CA THR A 21 10.06 -2.73 24.36
C THR A 21 8.69 -3.38 24.58
N ILE A 22 8.42 -4.48 23.89
CA ILE A 22 7.12 -5.15 23.96
C ILE A 22 7.02 -5.97 25.24
N GLU A 23 5.92 -5.82 25.98
CA GLU A 23 5.71 -6.70 27.14
C GLU A 23 4.51 -7.64 27.03
N ASP A 24 3.62 -7.38 26.07
CA ASP A 24 2.49 -8.27 25.79
C ASP A 24 1.99 -8.06 24.36
N VAL A 25 1.35 -9.09 23.81
CA VAL A 25 0.72 -9.00 22.49
C VAL A 25 -0.63 -9.67 22.63
N ARG A 26 -1.69 -8.92 22.35
CA ARG A 26 -3.05 -9.44 22.52
C ARG A 26 -3.75 -9.50 21.17
N ILE A 27 -4.39 -10.63 20.91
CA ILE A 27 -4.97 -10.88 19.60
C ILE A 27 -6.44 -11.22 19.74
N PHE A 28 -7.30 -10.41 19.11
CA PHE A 28 -8.75 -10.60 19.18
C PHE A 28 -9.39 -11.16 17.90
N TRP A 29 -8.63 -11.20 16.80
CA TRP A 29 -9.07 -11.88 15.57
C TRP A 29 -7.88 -12.64 14.96
N PRO A 30 -7.72 -13.92 15.33
CA PRO A 30 -6.53 -14.68 14.96
C PRO A 30 -6.31 -14.87 13.46
N ASN A 31 -7.36 -14.78 12.63
CA ASN A 31 -7.17 -15.00 11.18
C ASN A 31 -6.17 -14.02 10.58
N ILE A 32 -5.99 -12.87 11.22
CA ILE A 32 -5.04 -11.85 10.76
C ILE A 32 -3.60 -12.37 10.83
N ILE A 33 -3.32 -13.23 11.81
CA ILE A 33 -1.96 -13.75 12.00
C ILE A 33 -1.71 -14.91 11.03
N ARG A 34 -0.76 -14.74 10.11
CA ARG A 34 -0.51 -15.71 9.05
C ARG A 34 0.76 -16.54 9.26
N HIS A 35 1.75 -16.00 9.98
CA HIS A 35 2.95 -16.76 10.33
C HIS A 35 3.65 -16.17 11.56
N PRO A 36 3.98 -17.02 12.54
CA PRO A 36 3.58 -18.43 12.65
C PRO A 36 2.06 -18.52 12.69
N ARG A 37 1.45 -19.53 12.07
CA ARG A 37 -0.01 -19.56 12.01
C ARG A 37 -0.64 -19.67 13.41
N ASP A 38 0.08 -20.30 14.34
CA ASP A 38 -0.37 -20.39 15.73
C ASP A 38 -0.21 -19.02 16.38
N SER A 39 -1.32 -18.34 16.65
CA SER A 39 -1.24 -16.99 17.19
C SER A 39 -0.54 -16.93 18.55
N GLU A 40 -0.56 -18.02 19.30
CA GLU A 40 0.16 -18.06 20.58
C GLU A 40 1.69 -17.98 20.41
N ALA A 41 2.20 -18.59 19.34
CA ALA A 41 3.64 -18.54 19.05
C ALA A 41 4.05 -17.16 18.55
N PHE A 42 3.20 -16.58 17.70
CA PHE A 42 3.35 -15.21 17.22
C PHE A 42 3.50 -14.23 18.41
N ALA A 43 2.57 -14.32 19.35
CA ALA A 43 2.61 -13.45 20.53
C ALA A 43 3.86 -13.67 21.38
N ALA A 44 4.13 -14.93 21.70
CA ALA A 44 5.22 -15.28 22.60
C ALA A 44 6.58 -14.80 22.10
N ARG A 45 6.83 -14.96 20.81
CA ARG A 45 8.17 -14.64 20.29
C ARG A 45 8.46 -13.14 20.30
N MET A 46 7.42 -12.32 20.26
CA MET A 46 7.66 -10.88 20.22
C MET A 46 7.89 -10.24 21.58
N ILE A 47 7.40 -10.89 22.63
CA ILE A 47 7.60 -10.37 23.99
C ILE A 47 9.09 -10.22 24.35
N GLY A 48 9.45 -9.04 24.85
CA GLY A 48 10.83 -8.76 25.23
C GLY A 48 11.68 -8.12 24.13
N GLN A 49 11.16 -8.09 22.90
CA GLN A 49 11.85 -7.42 21.81
C GLN A 49 11.55 -5.92 21.77
N THR A 50 12.52 -5.15 21.28
CA THR A 50 12.43 -3.70 21.22
C THR A 50 12.30 -3.28 19.77
N VAL A 51 11.44 -2.29 19.50
CA VAL A 51 11.30 -1.76 18.13
C VAL A 51 12.53 -0.93 17.77
N ARG A 52 13.25 -1.36 16.74
CA ARG A 52 14.51 -0.70 16.36
C ARG A 52 14.34 0.17 15.10
N GLY A 53 13.32 -0.13 14.29
CA GLY A 53 13.07 0.66 13.10
C GLY A 53 11.77 0.28 12.40
N LEU A 54 11.40 1.03 11.37
CA LEU A 54 10.18 0.72 10.62
C LEU A 54 10.39 1.10 9.15
N GLU A 55 10.34 0.10 8.29
CA GLU A 55 10.56 0.31 6.86
C GLU A 55 9.29 -0.01 6.07
N ARG A 56 9.31 0.29 4.78
CA ARG A 56 8.21 -0.07 3.89
C ARG A 56 8.76 -0.83 2.69
N ARG A 57 8.06 -1.87 2.27
CA ARG A 57 8.38 -2.55 1.02
C ARG A 57 7.07 -2.77 0.25
N GLY A 58 6.95 -2.14 -0.93
CA GLY A 58 5.67 -2.14 -1.62
C GLY A 58 4.58 -1.53 -0.76
N LYS A 59 3.47 -2.25 -0.60
CA LYS A 59 2.37 -1.81 0.26
C LYS A 59 2.50 -2.37 1.69
N PHE A 60 3.62 -3.02 2.01
CA PHE A 60 3.84 -3.60 3.35
C PHE A 60 4.60 -2.69 4.30
N LEU A 61 4.21 -2.70 5.57
CA LEU A 61 5.09 -2.17 6.62
C LEU A 61 5.98 -3.29 7.15
N LYS A 62 7.25 -2.97 7.43
CA LYS A 62 8.17 -3.93 8.04
C LYS A 62 8.72 -3.36 9.35
N PHE A 63 8.20 -3.85 10.47
CA PHE A 63 8.68 -3.46 11.78
C PHE A 63 9.96 -4.26 12.08
N LEU A 64 11.07 -3.57 12.37
CA LEU A 64 12.33 -4.27 12.71
C LEU A 64 12.47 -4.31 14.22
N LEU A 65 12.53 -5.53 14.77
CA LEU A 65 12.65 -5.71 16.21
C LEU A 65 14.10 -6.13 16.57
N ASP A 66 14.28 -7.06 17.49
CA ASP A 66 15.64 -7.53 17.79
C ASP A 66 16.04 -8.68 16.86
N ARG A 67 15.48 -9.86 17.10
CA ARG A 67 15.71 -11.03 16.23
C ARG A 67 14.82 -10.99 14.99
N ASP A 68 13.62 -10.44 15.15
CA ASP A 68 12.55 -10.63 14.16
C ASP A 68 12.17 -9.37 13.38
N ALA A 69 11.47 -9.58 12.25
CA ALA A 69 10.75 -8.53 11.53
C ALA A 69 9.28 -8.87 11.51
N LEU A 70 8.41 -7.87 11.69
CA LEU A 70 6.97 -8.07 11.59
C LEU A 70 6.51 -7.40 10.31
N ILE A 71 5.91 -8.21 9.42
CA ILE A 71 5.49 -7.75 8.10
C ILE A 71 3.97 -7.61 8.08
N SER A 72 3.48 -6.38 7.92
CA SER A 72 2.06 -6.06 8.10
C SER A 72 1.46 -5.46 6.81
N HIS A 73 0.33 -6.00 6.35
CA HIS A 73 -0.40 -5.46 5.19
C HIS A 73 -1.76 -4.95 5.67
N LEU A 74 -2.07 -3.69 5.36
CA LEU A 74 -3.33 -3.09 5.83
C LEU A 74 -4.53 -3.48 4.94
N ARG A 75 -4.25 -3.96 3.73
CA ARG A 75 -5.30 -4.23 2.74
C ARG A 75 -6.21 -3.01 2.57
N MET A 76 -7.52 -3.17 2.76
CA MET A 76 -8.44 -2.07 2.47
C MET A 76 -8.65 -1.05 3.60
N GLU A 77 -8.65 -1.52 4.84
CA GLU A 77 -9.09 -0.66 5.95
C GLU A 77 -8.19 -0.69 7.19
N GLY A 78 -7.08 -1.41 7.12
CA GLY A 78 -6.19 -1.53 8.27
C GLY A 78 -5.52 -0.20 8.61
N ARG A 79 -5.32 0.04 9.90
CA ARG A 79 -4.64 1.26 10.35
C ARG A 79 -4.04 1.06 11.75
N TYR A 80 -3.02 1.86 12.08
CA TYR A 80 -2.38 1.82 13.40
C TYR A 80 -2.55 3.12 14.20
N ALA A 81 -2.62 3.01 15.52
CA ALA A 81 -2.58 4.18 16.40
C ALA A 81 -1.77 3.83 17.64
N VAL A 82 -1.25 4.85 18.32
CA VAL A 82 -0.54 4.64 19.59
C VAL A 82 -1.30 5.40 20.69
N ALA A 83 -1.61 4.71 21.77
CA ALA A 83 -2.41 5.30 22.86
C ALA A 83 -2.13 4.63 24.20
N SER A 84 -2.71 5.17 25.27
CA SER A 84 -2.48 4.65 26.63
C SER A 84 -3.21 3.34 26.92
N ALA A 85 -2.55 2.47 27.67
CA ALA A 85 -3.14 1.20 28.10
C ALA A 85 -4.29 1.42 29.07
N LEU A 86 -4.44 2.66 29.54
CA LEU A 86 -5.45 2.95 30.56
C LEU A 86 -6.82 3.29 29.97
N GLU A 87 -6.87 3.54 28.66
CA GLU A 87 -8.10 3.93 27.97
C GLU A 87 -8.79 2.74 27.30
N PRO A 88 -10.13 2.79 27.19
CA PRO A 88 -10.83 1.72 26.46
C PRO A 88 -10.41 1.69 24.99
N LEU A 89 -10.37 0.50 24.40
CA LEU A 89 -10.02 0.38 22.98
C LEU A 89 -11.14 0.92 22.10
N GLU A 90 -10.79 1.40 20.91
CA GLU A 90 -11.79 1.81 19.92
C GLU A 90 -12.38 0.56 19.24
N PRO A 91 -13.57 0.70 18.64
CA PRO A 91 -14.19 -0.42 17.93
C PRO A 91 -13.29 -0.99 16.84
N HIS A 92 -13.42 -2.29 16.59
CA HIS A 92 -12.68 -2.97 15.52
C HIS A 92 -11.16 -3.03 15.73
N THR A 93 -10.73 -3.08 16.99
CA THR A 93 -9.30 -3.24 17.30
C THR A 93 -9.02 -4.72 17.43
N HIS A 94 -8.15 -5.26 16.57
CA HIS A 94 -7.96 -6.71 16.51
C HIS A 94 -6.62 -7.25 17.01
N VAL A 95 -5.57 -6.42 17.04
CA VAL A 95 -4.28 -6.81 17.59
C VAL A 95 -3.72 -5.61 18.38
N VAL A 96 -3.17 -5.87 19.57
CA VAL A 96 -2.57 -4.81 20.38
C VAL A 96 -1.20 -5.22 20.87
N PHE A 97 -0.20 -4.38 20.66
CA PHE A 97 1.14 -4.62 21.22
C PHE A 97 1.34 -3.68 22.40
N CYS A 98 1.52 -4.23 23.60
CA CYS A 98 1.69 -3.43 24.79
C CYS A 98 3.18 -3.21 25.10
N PHE A 99 3.56 -1.96 25.37
CA PHE A 99 4.97 -1.62 25.65
C PHE A 99 5.21 -1.43 27.15
N THR A 100 6.48 -1.52 27.56
CA THR A 100 6.84 -1.41 28.97
C THR A 100 6.61 -0.02 29.57
N ASP A 101 6.37 0.98 28.73
CA ASP A 101 6.15 2.34 29.21
C ASP A 101 4.66 2.69 29.37
N GLY A 102 3.79 1.69 29.23
CA GLY A 102 2.37 1.88 29.45
C GLY A 102 1.59 2.35 28.22
N SER A 103 2.30 2.55 27.12
CA SER A 103 1.65 2.83 25.83
C SER A 103 1.42 1.53 25.03
N GLU A 104 0.60 1.62 23.98
CA GLU A 104 0.21 0.47 23.16
C GLU A 104 0.19 0.85 21.68
N LEU A 105 0.62 -0.08 20.84
CA LEU A 105 0.37 0.04 19.39
C LEU A 105 -0.89 -0.76 19.08
N ARG A 106 -1.94 -0.07 18.62
CA ARG A 106 -3.22 -0.73 18.27
C ARG A 106 -3.42 -0.87 16.77
N TYR A 107 -3.77 -2.09 16.32
CA TYR A 107 -4.16 -2.34 14.93
C TYR A 107 -5.67 -2.46 14.81
N ARG A 108 -6.28 -1.58 14.00
CA ARG A 108 -7.74 -1.61 13.76
C ARG A 108 -8.00 -1.95 12.29
N ASP A 109 -9.08 -2.67 12.02
CA ASP A 109 -9.37 -3.10 10.63
C ASP A 109 -10.83 -3.54 10.56
N VAL A 110 -11.72 -2.64 10.13
CA VAL A 110 -13.16 -2.94 10.14
C VAL A 110 -13.50 -4.21 9.35
N ARG A 111 -12.83 -4.42 8.23
CA ARG A 111 -13.18 -5.53 7.34
C ARG A 111 -12.42 -6.82 7.64
N LYS A 112 -11.41 -6.73 8.51
CA LYS A 112 -10.60 -7.87 8.92
C LYS A 112 -9.80 -8.52 7.78
N PHE A 113 -9.42 -7.74 6.78
CA PHE A 113 -8.72 -8.30 5.61
C PHE A 113 -7.20 -8.34 5.77
N GLY A 114 -6.64 -7.50 6.65
CA GLY A 114 -5.21 -7.35 6.80
C GLY A 114 -4.46 -8.59 7.31
N THR A 115 -3.14 -8.61 7.13
CA THR A 115 -2.33 -9.78 7.48
C THR A 115 -1.04 -9.40 8.23
N MET A 116 -0.55 -10.33 9.05
CA MET A 116 0.73 -10.16 9.75
C MET A 116 1.58 -11.43 9.64
N HIS A 117 2.86 -11.27 9.27
CA HIS A 117 3.82 -12.38 9.24
C HIS A 117 5.05 -11.98 10.07
N VAL A 118 5.54 -12.88 10.92
CA VAL A 118 6.81 -12.64 11.64
C VAL A 118 7.86 -13.67 11.26
N TYR A 119 9.03 -13.21 10.85
CA TYR A 119 10.16 -14.11 10.57
C TYR A 119 11.43 -13.52 11.19
N ALA A 120 12.45 -14.35 11.39
CA ALA A 120 13.77 -13.82 11.73
C ALA A 120 14.14 -12.82 10.63
N LYS A 121 14.83 -11.74 11.00
CA LYS A 121 15.13 -10.67 10.06
C LYS A 121 15.74 -11.14 8.73
N GLU A 122 16.70 -12.06 8.83
CA GLU A 122 17.44 -12.54 7.67
C GLU A 122 16.61 -13.42 6.74
N GLU A 123 15.42 -13.83 7.19
CA GLU A 123 14.53 -14.68 6.41
C GLU A 123 13.40 -13.88 5.75
N ALA A 124 13.10 -12.72 6.31
CA ALA A 124 11.95 -11.91 5.85
C ALA A 124 11.92 -11.68 4.35
N ASP A 125 13.06 -11.36 3.75
CA ASP A 125 13.10 -11.03 2.32
C ASP A 125 13.10 -12.24 1.40
N ARG A 126 13.32 -13.44 1.93
CA ARG A 126 13.35 -14.62 1.06
C ARG A 126 12.18 -15.58 1.26
N ARG A 127 11.16 -15.14 2.00
CA ARG A 127 9.93 -15.91 2.17
C ARG A 127 8.75 -15.07 1.72
N PRO A 128 7.60 -15.72 1.44
CA PRO A 128 6.38 -14.93 1.17
C PRO A 128 5.99 -14.16 2.42
N PRO A 129 5.37 -12.99 2.27
CA PRO A 129 4.93 -12.38 1.01
C PRO A 129 5.94 -11.43 0.33
N LEU A 130 7.06 -11.12 0.96
CA LEU A 130 7.97 -10.13 0.39
C LEU A 130 8.83 -10.66 -0.77
N ALA A 131 9.09 -11.96 -0.77
CA ALA A 131 10.06 -12.54 -1.70
C ALA A 131 9.76 -12.27 -3.18
N GLU A 132 8.49 -12.32 -3.55
CA GLU A 132 8.12 -12.22 -4.97
C GLU A 132 7.85 -10.79 -5.49
N LEU A 133 7.96 -9.80 -4.61
CA LEU A 133 7.62 -8.41 -5.00
C LEU A 133 8.56 -7.83 -6.06
N GLY A 134 7.98 -7.05 -6.96
CA GLY A 134 8.75 -6.34 -7.96
C GLY A 134 9.45 -5.13 -7.36
N PRO A 135 10.15 -4.35 -8.20
CA PRO A 135 10.98 -3.26 -7.70
C PRO A 135 10.21 -2.08 -7.11
N GLU A 136 10.88 -1.33 -6.24
CA GLU A 136 10.36 -0.06 -5.72
C GLU A 136 10.28 0.96 -6.86
N PRO A 137 9.10 1.56 -7.07
CA PRO A 137 8.95 2.46 -8.23
C PRO A 137 9.77 3.75 -8.11
N LEU A 138 10.13 4.16 -6.89
CA LEU A 138 10.93 5.37 -6.72
C LEU A 138 12.43 5.05 -6.64
N SER A 139 12.81 3.89 -7.15
CA SER A 139 14.21 3.47 -7.15
C SER A 139 14.71 3.24 -8.57
N PRO A 140 16.04 3.23 -8.76
CA PRO A 140 16.59 2.95 -10.09
C PRO A 140 16.23 1.55 -10.60
N ALA A 141 15.80 0.65 -9.72
CA ALA A 141 15.45 -0.70 -10.15
C ALA A 141 14.15 -0.74 -10.98
N PHE A 142 13.37 0.34 -10.91
CA PHE A 142 12.20 0.46 -11.78
C PHE A 142 12.50 1.41 -12.93
N SER A 143 12.55 0.85 -14.13
CA SER A 143 12.91 1.60 -15.33
C SER A 143 11.95 1.26 -16.46
N PRO A 144 11.97 2.05 -17.55
CA PRO A 144 11.13 1.67 -18.68
C PRO A 144 11.42 0.24 -19.14
N ALA A 145 12.69 -0.15 -19.15
CA ALA A 145 13.07 -1.49 -19.58
C ALA A 145 12.39 -2.58 -18.74
N VAL A 146 12.31 -2.36 -17.43
CA VAL A 146 11.67 -3.32 -16.54
C VAL A 146 10.19 -3.46 -16.85
N LEU A 147 9.56 -2.34 -17.18
CA LEU A 147 8.15 -2.34 -17.52
C LEU A 147 7.92 -3.05 -18.87
N ALA A 148 8.74 -2.71 -19.87
CA ALA A 148 8.61 -3.29 -21.19
C ALA A 148 8.85 -4.81 -21.18
N GLU A 149 9.79 -5.26 -20.35
CA GLU A 149 10.13 -6.67 -20.28
C GLU A 149 8.92 -7.53 -19.92
N ARG A 150 8.07 -7.03 -19.03
CA ARG A 150 6.87 -7.77 -18.67
C ARG A 150 5.73 -7.54 -19.67
N ALA A 151 5.62 -6.31 -20.17
CA ALA A 151 4.49 -5.92 -21.03
C ALA A 151 4.49 -6.66 -22.36
N VAL A 152 5.68 -6.93 -22.90
CA VAL A 152 5.78 -7.50 -24.24
C VAL A 152 5.31 -8.95 -24.27
N LYS A 153 5.28 -9.59 -23.09
CA LYS A 153 5.01 -11.02 -22.99
C LYS A 153 3.57 -11.40 -22.72
N THR A 154 2.66 -10.43 -22.64
CA THR A 154 1.29 -10.72 -22.22
C THR A 154 0.26 -9.84 -22.93
N LYS A 155 -0.91 -10.42 -23.22
CA LYS A 155 -2.03 -9.66 -23.76
C LYS A 155 -3.00 -9.18 -22.67
N ARG A 156 -2.67 -9.42 -21.40
CA ARG A 156 -3.51 -8.95 -20.31
C ARG A 156 -3.61 -7.42 -20.41
N SER A 157 -4.72 -6.86 -19.92
CA SER A 157 -4.89 -5.41 -19.94
C SER A 157 -3.77 -4.71 -19.18
N VAL A 158 -3.43 -3.50 -19.60
CA VAL A 158 -2.37 -2.77 -18.92
C VAL A 158 -2.76 -2.52 -17.44
N LYS A 159 -4.05 -2.34 -17.16
CA LYS A 159 -4.47 -2.21 -15.76
C LYS A 159 -4.14 -3.48 -14.94
N ALA A 160 -4.45 -4.65 -15.49
CA ALA A 160 -4.11 -5.90 -14.81
C ALA A 160 -2.61 -5.99 -14.58
N LEU A 161 -1.82 -5.55 -15.56
CA LEU A 161 -0.37 -5.60 -15.44
C LEU A 161 0.14 -4.73 -14.27
N LEU A 162 -0.36 -3.50 -14.18
CA LEU A 162 0.14 -2.56 -13.18
C LEU A 162 -0.35 -2.87 -11.76
N LEU A 163 -1.47 -3.59 -11.65
CA LEU A 163 -1.97 -4.02 -10.34
C LEU A 163 -1.19 -5.19 -9.78
N ASP A 164 -0.42 -5.86 -10.66
CA ASP A 164 0.34 -7.06 -10.30
C ASP A 164 1.62 -6.67 -9.56
N GLN A 165 1.65 -6.94 -8.26
CA GLN A 165 2.75 -6.47 -7.43
C GLN A 165 4.10 -7.11 -7.76
N THR A 166 4.11 -8.19 -8.54
CA THR A 166 5.36 -8.80 -9.00
C THR A 166 6.00 -8.04 -10.15
N VAL A 167 5.19 -7.22 -10.83
CA VAL A 167 5.71 -6.38 -11.91
C VAL A 167 6.45 -5.18 -11.35
N VAL A 168 5.76 -4.45 -10.47
CA VAL A 168 6.31 -3.30 -9.78
C VAL A 168 5.49 -3.17 -8.50
N ALA A 169 6.12 -2.80 -7.39
CA ALA A 169 5.39 -2.77 -6.11
C ALA A 169 4.81 -1.40 -5.75
N GLY A 170 3.53 -1.34 -5.37
CA GLY A 170 3.01 -0.12 -4.77
C GLY A 170 1.75 0.51 -5.36
N PHE A 171 1.39 0.13 -6.59
CA PHE A 171 0.22 0.75 -7.23
C PHE A 171 -1.06 -0.07 -7.05
N GLY A 172 -2.16 0.62 -6.80
CA GLY A 172 -3.48 0.02 -6.73
C GLY A 172 -4.49 0.78 -7.57
N CYS A 173 -5.78 0.61 -7.28
CA CYS A 173 -6.79 1.14 -8.20
C CYS A 173 -6.73 2.65 -8.44
N ILE A 174 -6.46 3.44 -7.41
CA ILE A 174 -6.33 4.88 -7.63
C ILE A 174 -5.14 5.22 -8.54
N TYR A 175 -3.93 4.81 -8.14
CA TYR A 175 -2.74 5.25 -8.86
C TYR A 175 -2.54 4.58 -10.21
N VAL A 176 -3.11 3.38 -10.40
CA VAL A 176 -3.12 2.80 -11.75
C VAL A 176 -4.01 3.64 -12.67
N ASP A 177 -5.26 3.92 -12.25
CA ASP A 177 -6.16 4.70 -13.12
C ASP A 177 -5.58 6.09 -13.43
N GLU A 178 -5.02 6.73 -12.40
CA GLU A 178 -4.41 8.07 -12.56
C GLU A 178 -3.20 8.06 -13.46
N SER A 179 -2.31 7.07 -13.28
CA SER A 179 -1.11 7.00 -14.12
C SER A 179 -1.47 6.82 -15.59
N LEU A 180 -2.45 5.96 -15.86
CA LEU A 180 -2.88 5.69 -17.23
C LEU A 180 -3.53 6.91 -17.88
N PHE A 181 -4.35 7.65 -17.13
CA PHE A 181 -4.88 8.92 -17.65
C PHE A 181 -3.75 9.89 -18.04
N ARG A 182 -2.83 10.08 -17.10
CA ARG A 182 -1.75 11.04 -17.29
C ARG A 182 -0.85 10.64 -18.46
N ALA A 183 -0.75 9.34 -18.72
CA ALA A 183 0.05 8.84 -19.84
C ALA A 183 -0.74 8.74 -21.15
N GLY A 184 -2.05 8.96 -21.07
CA GLY A 184 -2.91 8.93 -22.26
C GLY A 184 -3.19 7.56 -22.83
N ILE A 185 -3.28 6.56 -21.96
CA ILE A 185 -3.44 5.17 -22.37
C ILE A 185 -4.72 4.56 -21.79
N LEU A 186 -5.58 3.97 -22.62
CA LEU A 186 -6.81 3.35 -22.13
C LEU A 186 -6.49 2.13 -21.27
N PRO A 187 -7.22 1.95 -20.16
CA PRO A 187 -6.83 0.92 -19.19
C PRO A 187 -7.06 -0.51 -19.70
N GLY A 188 -7.95 -0.66 -20.68
CA GLY A 188 -8.19 -1.97 -21.26
C GLY A 188 -7.22 -2.40 -22.35
N ARG A 189 -6.30 -1.53 -22.74
CA ARG A 189 -5.33 -1.86 -23.78
C ARG A 189 -4.52 -3.10 -23.40
N PRO A 190 -4.39 -4.07 -24.31
CA PRO A 190 -3.48 -5.19 -24.04
C PRO A 190 -2.06 -4.69 -23.82
N ALA A 191 -1.37 -5.21 -22.81
CA ALA A 191 -0.04 -4.71 -22.47
C ALA A 191 0.92 -4.78 -23.66
N ALA A 192 0.83 -5.88 -24.41
CA ALA A 192 1.73 -6.09 -25.53
C ALA A 192 1.47 -5.12 -26.69
N SER A 193 0.35 -4.39 -26.63
CA SER A 193 0.01 -3.44 -27.68
C SER A 193 0.67 -2.09 -27.47
N LEU A 194 1.31 -1.89 -26.32
CA LEU A 194 1.94 -0.61 -26.02
C LEU A 194 3.23 -0.43 -26.78
N SER A 195 3.42 0.75 -27.37
CA SER A 195 4.66 1.07 -28.06
C SER A 195 5.76 1.47 -27.06
N SER A 196 7.00 1.53 -27.55
CA SER A 196 8.12 1.95 -26.71
C SER A 196 7.89 3.35 -26.14
N LYS A 197 7.35 4.23 -26.98
CA LYS A 197 7.06 5.59 -26.54
C LYS A 197 6.00 5.58 -25.43
N GLU A 198 4.96 4.78 -25.61
CA GLU A 198 3.90 4.67 -24.59
C GLU A 198 4.45 4.11 -23.28
N ILE A 199 5.33 3.12 -23.35
CA ILE A 199 5.95 2.53 -22.15
C ILE A 199 6.81 3.56 -21.40
N GLU A 200 7.59 4.34 -22.14
CA GLU A 200 8.42 5.38 -21.54
C GLU A 200 7.56 6.44 -20.86
N ARG A 201 6.48 6.83 -21.54
CA ARG A 201 5.55 7.82 -21.02
C ARG A 201 4.85 7.30 -19.76
N LEU A 202 4.43 6.05 -19.80
CA LEU A 202 3.76 5.44 -18.65
C LEU A 202 4.71 5.37 -17.45
N HIS A 203 5.95 4.97 -17.67
CA HIS A 203 6.92 4.92 -16.57
C HIS A 203 7.10 6.31 -15.94
N GLU A 204 7.22 7.32 -16.79
CA GLU A 204 7.43 8.68 -16.31
C GLU A 204 6.26 9.12 -15.44
N GLU A 205 5.03 8.89 -15.91
CA GLU A 205 3.84 9.31 -15.16
C GLU A 205 3.61 8.48 -13.90
N MET A 206 3.98 7.21 -13.94
CA MET A 206 3.88 6.37 -12.74
C MET A 206 4.77 6.91 -11.64
N VAL A 207 6.03 7.20 -11.98
CA VAL A 207 6.98 7.75 -11.01
C VAL A 207 6.52 9.12 -10.48
N ALA A 208 6.05 9.97 -11.37
CA ALA A 208 5.65 11.31 -10.95
C ALA A 208 4.41 11.28 -10.06
N THR A 209 3.45 10.46 -10.44
CA THR A 209 2.18 10.39 -9.69
C THR A 209 2.43 9.86 -8.29
N ILE A 210 3.19 8.78 -8.20
CA ILE A 210 3.42 8.15 -6.90
C ILE A 210 4.29 9.05 -6.01
N GLY A 211 5.26 9.74 -6.59
CA GLY A 211 6.08 10.68 -5.85
C GLY A 211 5.31 11.88 -5.32
N GLU A 212 4.46 12.44 -6.19
CA GLU A 212 3.60 13.56 -5.82
C GLU A 212 2.68 13.17 -4.68
N ALA A 213 2.10 11.97 -4.76
CA ALA A 213 1.16 11.53 -3.74
C ALA A 213 1.84 11.35 -2.37
N VAL A 214 3.08 10.88 -2.37
CA VAL A 214 3.86 10.80 -1.12
C VAL A 214 4.04 12.18 -0.51
N MET A 215 4.40 13.15 -1.34
CA MET A 215 4.61 14.51 -0.85
C MET A 215 3.35 15.12 -0.26
N LYS A 216 2.19 14.70 -0.76
CA LYS A 216 0.93 15.26 -0.28
C LYS A 216 0.22 14.39 0.78
N GLY A 217 0.93 13.40 1.31
CA GLY A 217 0.40 12.64 2.42
C GLY A 217 -0.66 11.62 2.07
N GLY A 218 -0.68 11.19 0.81
CA GLY A 218 -1.64 10.17 0.38
C GLY A 218 -2.98 10.74 -0.07
N SER A 219 -3.87 9.87 -0.55
CA SER A 219 -5.22 10.24 -0.96
C SER A 219 -6.28 9.80 0.05
N THR A 220 -7.01 10.76 0.60
CA THR A 220 -8.14 10.44 1.45
C THR A 220 -9.40 10.51 0.61
N VAL A 221 -9.97 9.34 0.30
CA VAL A 221 -11.16 9.25 -0.57
C VAL A 221 -12.36 8.60 0.15
N ARG A 222 -12.09 7.81 1.19
CA ARG A 222 -13.14 7.18 2.00
C ARG A 222 -12.77 7.16 3.49
N THR A 223 -11.73 6.42 3.83
CA THR A 223 -11.37 6.20 5.24
C THR A 223 -9.90 6.35 5.61
N TYR A 224 -9.03 6.66 4.65
CA TYR A 224 -7.61 6.75 4.97
C TYR A 224 -7.25 8.06 5.68
N VAL A 225 -6.44 7.94 6.74
CA VAL A 225 -5.78 9.08 7.40
C VAL A 225 -4.40 8.63 7.87
N ASN A 226 -3.49 9.57 8.14
CA ASN A 226 -2.19 9.21 8.69
C ASN A 226 -2.29 8.78 10.15
N THR A 227 -1.15 8.48 10.78
CA THR A 227 -1.15 7.95 12.14
C THR A 227 -1.69 8.98 13.15
N GLN A 228 -1.60 10.27 12.82
CA GLN A 228 -2.15 11.33 13.67
C GLN A 228 -3.62 11.64 13.39
N GLY A 229 -4.22 10.90 12.46
CA GLY A 229 -5.62 11.12 12.12
C GLY A 229 -5.83 12.20 11.09
N GLU A 230 -4.76 12.66 10.45
CA GLU A 230 -4.84 13.71 9.44
C GLU A 230 -5.07 13.17 8.03
N ALA A 231 -6.03 13.77 7.32
CA ALA A 231 -6.28 13.39 5.94
C ALA A 231 -5.11 13.78 5.05
N GLY A 232 -4.91 13.01 3.98
CA GLY A 232 -3.99 13.39 2.94
C GLY A 232 -4.61 14.51 2.13
N THR A 233 -3.91 15.00 1.11
CA THR A 233 -4.46 16.02 0.22
C THR A 233 -4.35 15.65 -1.25
N PHE A 234 -3.81 14.48 -1.58
CA PHE A 234 -3.69 14.13 -3.00
C PHE A 234 -5.03 13.97 -3.70
N GLN A 235 -6.10 13.70 -2.94
CA GLN A 235 -7.41 13.50 -3.56
C GLN A 235 -7.84 14.73 -4.37
N HIS A 236 -7.29 15.90 -4.05
CA HIS A 236 -7.64 17.11 -4.79
C HIS A 236 -6.90 17.20 -6.11
N HIS A 237 -5.98 16.28 -6.33
CA HIS A 237 -5.22 16.26 -7.56
C HIS A 237 -5.55 15.06 -8.45
N LEU A 238 -6.69 14.41 -8.18
CA LEU A 238 -7.11 13.27 -9.01
C LEU A 238 -7.80 13.74 -10.29
N TYR A 239 -7.42 13.13 -11.42
CA TYR A 239 -8.05 13.44 -12.71
C TYR A 239 -9.26 12.57 -13.02
N VAL A 240 -9.19 11.30 -12.61
CA VAL A 240 -10.25 10.35 -12.98
C VAL A 240 -10.84 9.54 -11.84
N TYR A 241 -10.03 9.14 -10.86
CA TYR A 241 -10.55 8.22 -9.84
C TYR A 241 -11.70 8.86 -9.05
N GLY A 242 -12.84 8.17 -9.03
CA GLY A 242 -14.00 8.66 -8.30
C GLY A 242 -14.73 9.82 -8.96
N ARG A 243 -14.32 10.18 -10.17
CA ARG A 243 -14.88 11.34 -10.86
C ARG A 243 -15.87 11.02 -11.98
N GLN A 244 -16.39 9.78 -12.02
CA GLN A 244 -17.34 9.39 -13.07
C GLN A 244 -18.53 10.36 -13.17
N GLY A 245 -18.88 10.74 -14.39
CA GLY A 245 -19.96 11.67 -14.63
C GLY A 245 -19.57 13.15 -14.59
N ASN A 246 -18.42 13.45 -13.98
CA ASN A 246 -17.92 14.81 -13.91
C ASN A 246 -17.04 15.11 -15.12
N PRO A 247 -16.90 16.39 -15.49
CA PRO A 247 -16.08 16.73 -16.66
C PRO A 247 -14.60 16.43 -16.43
N CYS A 248 -13.93 15.91 -17.45
CA CYS A 248 -12.48 15.81 -17.43
C CYS A 248 -11.87 17.20 -17.18
N LYS A 249 -10.84 17.27 -16.33
CA LYS A 249 -10.19 18.53 -15.98
C LYS A 249 -9.38 19.11 -17.14
N ARG A 250 -9.05 18.25 -18.11
CA ARG A 250 -8.25 18.66 -19.25
C ARG A 250 -9.08 18.93 -20.51
N CYS A 251 -10.14 18.14 -20.75
CA CYS A 251 -10.90 18.30 -22.01
C CYS A 251 -12.40 18.52 -21.83
N GLY A 252 -12.89 18.28 -20.61
CA GLY A 252 -14.30 18.50 -20.29
C GLY A 252 -15.26 17.38 -20.63
N THR A 253 -14.75 16.33 -21.25
CA THR A 253 -15.56 15.15 -21.58
C THR A 253 -15.91 14.45 -20.27
N PRO A 254 -17.17 13.97 -20.12
CA PRO A 254 -17.49 13.27 -18.87
C PRO A 254 -16.63 12.03 -18.64
N ILE A 255 -16.08 11.91 -17.44
CA ILE A 255 -15.31 10.73 -17.05
C ILE A 255 -16.23 9.51 -17.01
N GLU A 256 -15.72 8.38 -17.50
CA GLU A 256 -16.48 7.13 -17.52
C GLU A 256 -15.95 6.12 -16.51
N LYS A 257 -16.83 5.20 -16.11
CA LYS A 257 -16.45 4.10 -15.22
C LYS A 257 -17.01 2.81 -15.77
N THR A 258 -16.14 1.82 -15.94
CA THR A 258 -16.55 0.52 -16.43
C THR A 258 -15.68 -0.54 -15.77
N VAL A 259 -15.93 -1.80 -16.08
CA VAL A 259 -15.14 -2.90 -15.51
C VAL A 259 -13.95 -3.25 -16.39
N VAL A 260 -12.76 -3.28 -15.77
CA VAL A 260 -11.52 -3.71 -16.41
C VAL A 260 -10.73 -4.52 -15.39
N ALA A 261 -10.17 -5.64 -15.81
CA ALA A 261 -9.50 -6.57 -14.89
C ALA A 261 -10.44 -6.95 -13.74
N GLY A 262 -11.74 -7.00 -14.03
CA GLY A 262 -12.76 -7.30 -13.05
C GLY A 262 -13.00 -6.24 -11.98
N ARG A 263 -12.48 -5.03 -12.18
CA ARG A 263 -12.55 -3.98 -11.17
C ARG A 263 -13.12 -2.69 -11.75
N GLY A 264 -13.81 -1.90 -10.92
CA GLY A 264 -14.29 -0.59 -11.33
C GLY A 264 -13.11 0.26 -11.78
N THR A 265 -13.23 0.88 -12.95
CA THR A 265 -12.08 1.53 -13.57
C THR A 265 -12.51 2.86 -14.19
N HIS A 266 -11.77 3.93 -13.90
CA HIS A 266 -12.17 5.28 -14.32
C HIS A 266 -11.24 5.77 -15.43
N TYR A 267 -11.80 6.45 -16.44
CA TYR A 267 -10.97 6.92 -17.55
C TYR A 267 -11.67 8.04 -18.33
N CYS A 268 -10.88 8.85 -19.04
CA CYS A 268 -11.45 9.79 -20.00
C CYS A 268 -11.37 9.20 -21.40
N PRO A 269 -12.52 9.05 -22.08
CA PRO A 269 -12.51 8.37 -23.38
C PRO A 269 -11.89 9.22 -24.50
N ARG A 270 -11.64 10.50 -24.21
CA ARG A 270 -10.99 11.38 -25.19
C ARG A 270 -9.48 11.49 -24.98
N CYS A 271 -9.04 11.72 -23.74
CA CYS A 271 -7.62 11.90 -23.46
C CYS A 271 -6.83 10.58 -23.54
N GLN A 272 -7.51 9.47 -23.30
CA GLN A 272 -6.87 8.15 -23.31
C GLN A 272 -7.18 7.39 -24.58
N ARG A 273 -6.15 6.76 -25.16
CA ARG A 273 -6.27 6.04 -26.43
C ARG A 273 -5.67 4.64 -26.42
#